data_4GL3
#
_entry.id   4GL3
#
_cell.length_a   121.568
_cell.length_b   121.568
_cell.length_c   267.888
_cell.angle_alpha   90.000
_cell.angle_beta   90.000
_cell.angle_gamma   120.000
#
_symmetry.space_group_name_H-M   'H 3 2'
#
loop_
_entity.id
_entity.type
_entity.pdbx_description
1 polymer 'putative glucoamylase'
2 non-polymer 2-AMINO-2-HYDROXYMETHYL-PROPANE-1,3-DIOL
3 non-polymer GLYCEROL
4 non-polymer DI(HYDROXYETHYL)ETHER
5 water water
#
_entity_poly.entity_id   1
_entity_poly.type   'polypeptide(L)'
_entity_poly.pdbx_seq_one_letter_code
;GINPPSGVTEKQLSDDEL(MSE)TLVQKQTFRYFWDFAHPESGLAHERSNGGAETATIGGSGFGV(MSE)AIIVGIERGF
VTREQGAER(MSE)LKIVRFLSDKNTDSYHG(MSE)WAHW(MSE)NGKTGKTIPFSRKDDGADIVESAF(MSE)FEGLLA
AHQYFTKDNPTENRIRGIINNLWRQAEWNFFTQGQDV(MSE)YWHWSPNNGWA(MSE)NHQIKGHNECHIVYILGASSPT
YPIAESVYHKGWANANTFLNGREYYGIKLPLGNNHGKGGPLFFTHYSY(MSE)GLDPRGLKDRYADYEEQ(MSE)KAHTL
INRAYCIDNPKGYKGYGEKCWGLTASDGDKGYSAHSPGNDRGVITPTAALSSIPYAPEYSLEA(MSE)RYFYEELGDRLW
GEYGFKDAFNLTENWFAPSYLAIDQGPIIV(MSE)IENYRTGLIWKLF(MSE)SHPDVQKGLRRLGFTSPYLNKVD
;
_entity_poly.pdbx_strand_id   A
#
# COMPACT_ATOMS: atom_id res chain seq x y z
N GLU A 10 12.98 -21.34 -23.58
CA GLU A 10 13.75 -21.07 -22.32
C GLU A 10 13.26 -21.97 -21.19
N LYS A 11 14.16 -22.65 -20.46
CA LYS A 11 13.74 -23.50 -19.33
C LYS A 11 12.93 -22.66 -18.31
N GLN A 12 12.00 -23.31 -17.63
CA GLN A 12 11.18 -22.62 -16.64
C GLN A 12 12.03 -22.19 -15.46
N LEU A 13 11.74 -21.00 -14.93
CA LEU A 13 12.35 -20.57 -13.68
C LEU A 13 11.68 -21.33 -12.51
N SER A 14 12.45 -21.69 -11.50
CA SER A 14 11.87 -22.12 -10.23
C SER A 14 11.05 -21.00 -9.62
N ASP A 15 10.22 -21.34 -8.63
CA ASP A 15 9.42 -20.29 -8.01
C ASP A 15 10.32 -19.24 -7.37
N ASP A 16 11.41 -19.67 -6.74
CA ASP A 16 12.33 -18.70 -6.10
C ASP A 16 12.97 -17.77 -7.16
N GLU A 17 13.38 -18.33 -8.30
CA GLU A 17 13.94 -17.53 -9.40
C GLU A 17 12.95 -16.51 -9.99
N LEU A 18 11.72 -16.97 -10.18
CA LEU A 18 10.64 -16.14 -10.70
C LEU A 18 10.36 -15.00 -9.74
N THR A 20 12.30 -13.69 -7.44
CA THR A 20 13.44 -12.82 -7.40
C THR A 20 13.50 -11.94 -8.65
N LEU A 21 13.24 -12.51 -9.82
CA LEU A 21 13.19 -11.70 -11.05
C LEU A 21 12.08 -10.65 -10.96
N VAL A 22 10.90 -11.02 -10.48
CA VAL A 22 9.79 -10.07 -10.39
C VAL A 22 10.16 -8.91 -9.45
N GLN A 23 10.74 -9.25 -8.30
CA GLN A 23 11.16 -8.23 -7.35
C GLN A 23 12.25 -7.32 -7.92
N LYS A 24 13.24 -7.92 -8.58
CA LYS A 24 14.37 -7.17 -9.13
C LYS A 24 13.95 -6.24 -10.27
N GLN A 25 13.12 -6.73 -11.19
CA GLN A 25 12.69 -5.91 -12.32
C GLN A 25 11.78 -4.76 -11.84
N THR A 26 10.88 -5.06 -10.90
CA THR A 26 9.95 -4.07 -10.39
C THR A 26 10.71 -3.02 -9.56
N PHE A 27 11.76 -3.44 -8.90
CA PHE A 27 12.58 -2.56 -8.05
C PHE A 27 13.12 -1.36 -8.86
N ARG A 28 13.36 -1.58 -10.15
CA ARG A 28 13.82 -0.51 -11.04
C ARG A 28 12.90 0.74 -10.98
N TYR A 29 11.60 0.52 -10.79
CA TYR A 29 10.63 1.62 -10.75
C TYR A 29 10.98 2.60 -9.61
N PHE A 30 11.42 2.07 -8.46
CA PHE A 30 11.64 2.83 -7.28
C PHE A 30 13.08 3.28 -7.09
N TRP A 31 14.01 2.67 -7.81
CA TRP A 31 15.41 2.97 -7.69
C TRP A 31 15.86 3.81 -8.89
N ASP A 32 15.99 3.18 -10.06
CA ASP A 32 16.46 3.84 -11.27
C ASP A 32 15.50 4.94 -11.74
N PHE A 33 14.20 4.74 -11.59
CA PHE A 33 13.21 5.68 -12.12
C PHE A 33 12.71 6.73 -11.10
N ALA A 34 13.24 6.71 -9.88
CA ALA A 34 12.91 7.68 -8.84
C ALA A 34 13.35 9.05 -9.25
N HIS A 35 12.66 10.07 -8.77
CA HIS A 35 13.14 11.44 -9.00
C HIS A 35 14.59 11.59 -8.49
N PRO A 36 15.50 12.13 -9.29
CA PRO A 36 16.87 12.18 -8.79
C PRO A 36 17.11 13.16 -7.63
N GLU A 37 16.31 14.21 -7.54
CA GLU A 37 16.54 15.28 -6.57
C GLU A 37 16.08 14.80 -5.20
N SER A 38 15.06 13.94 -5.17
CA SER A 38 14.40 13.60 -3.92
C SER A 38 14.40 12.13 -3.54
N GLY A 39 14.54 11.23 -4.52
CA GLY A 39 14.33 9.78 -4.33
C GLY A 39 12.89 9.32 -4.30
N LEU A 40 11.96 10.26 -4.46
CA LEU A 40 10.55 9.93 -4.44
C LEU A 40 10.10 9.26 -5.75
N ALA A 41 9.02 8.51 -5.65
CA ALA A 41 8.47 7.74 -6.74
C ALA A 41 7.51 8.57 -7.58
N HIS A 42 7.60 8.42 -8.89
CA HIS A 42 6.58 8.93 -9.80
C HIS A 42 5.25 8.20 -9.56
N GLU A 43 4.14 8.91 -9.75
CA GLU A 43 2.84 8.29 -9.65
C GLU A 43 2.68 7.22 -10.73
N ARG A 44 3.21 7.51 -11.91
CA ARG A 44 3.10 6.57 -13.05
C ARG A 44 4.27 6.82 -14.05
N SER A 45 4.52 5.86 -14.94
CA SER A 45 5.55 5.95 -15.91
C SER A 45 5.13 6.78 -17.11
N ASN A 46 3.84 7.08 -17.29
CA ASN A 46 3.41 7.82 -18.50
C ASN A 46 2.61 9.08 -18.12
N GLY A 47 3.08 9.82 -17.11
CA GLY A 47 2.41 11.04 -16.60
C GLY A 47 3.33 12.27 -16.66
N GLY A 48 3.19 13.18 -15.72
CA GLY A 48 4.20 14.27 -15.58
C GLY A 48 5.67 13.81 -15.70
N ALA A 49 6.57 14.74 -15.93
CA ALA A 49 7.94 14.56 -15.52
C ALA A 49 8.10 14.98 -14.04
N GLU A 50 7.11 15.70 -13.48
CA GLU A 50 7.30 16.42 -12.22
C GLU A 50 6.64 15.80 -10.99
N THR A 51 5.69 14.88 -11.19
CA THR A 51 4.81 14.38 -10.12
C THR A 51 5.40 13.26 -9.31
N ALA A 52 5.44 13.45 -7.99
CA ALA A 52 5.81 12.40 -7.02
C ALA A 52 4.57 12.08 -6.22
N THR A 53 4.38 10.82 -5.88
CA THR A 53 3.26 10.44 -5.05
C THR A 53 3.72 10.00 -3.67
N ILE A 54 3.06 10.53 -2.64
CA ILE A 54 3.55 10.28 -1.27
C ILE A 54 3.31 8.87 -0.76
N GLY A 55 2.10 8.33 -0.94
CA GLY A 55 1.79 6.95 -0.52
C GLY A 55 2.65 5.92 -1.25
N GLY A 56 2.72 6.08 -2.56
CA GLY A 56 3.60 5.26 -3.42
C GLY A 56 5.07 5.40 -3.05
N SER A 57 5.51 6.60 -2.66
CA SER A 57 6.91 6.76 -2.22
C SER A 57 7.14 6.02 -0.91
N GLY A 58 6.12 5.98 -0.06
CA GLY A 58 6.19 5.19 1.15
C GLY A 58 6.40 3.70 0.79
N PHE A 59 5.72 3.21 -0.24
CA PHE A 59 5.96 1.81 -0.68
C PHE A 59 7.41 1.67 -1.17
N GLY A 60 7.88 2.70 -1.85
CA GLY A 60 9.24 2.78 -2.36
C GLY A 60 10.28 2.66 -1.25
N VAL A 61 10.04 3.34 -0.13
CA VAL A 61 10.88 3.24 1.05
C VAL A 61 11.00 1.77 1.50
N ALA A 63 10.42 -0.82 -0.46
CA ALA A 63 11.12 -1.47 -1.58
C ALA A 63 12.64 -1.31 -1.46
N ILE A 64 13.10 -0.15 -1.01
CA ILE A 64 14.53 0.03 -0.81
C ILE A 64 15.10 -0.98 0.23
N ILE A 65 14.38 -1.16 1.34
CA ILE A 65 14.81 -2.11 2.37
C ILE A 65 14.86 -3.55 1.81
N VAL A 66 13.83 -3.93 1.03
CA VAL A 66 13.79 -5.23 0.35
C VAL A 66 15.00 -5.39 -0.57
N GLY A 67 15.28 -4.34 -1.33
CA GLY A 67 16.41 -4.33 -2.27
C GLY A 67 17.79 -4.47 -1.63
N ILE A 68 17.98 -3.87 -0.46
CA ILE A 68 19.23 -4.06 0.27
C ILE A 68 19.37 -5.53 0.69
N GLU A 69 18.33 -6.06 1.30
CA GLU A 69 18.33 -7.45 1.78
C GLU A 69 18.43 -8.47 0.65
N ARG A 70 17.90 -8.16 -0.53
CA ARG A 70 18.01 -9.04 -1.70
C ARG A 70 19.30 -8.82 -2.49
N GLY A 71 20.12 -7.85 -2.08
CA GLY A 71 21.36 -7.59 -2.76
C GLY A 71 21.20 -6.86 -4.09
N PHE A 72 20.05 -6.24 -4.34
CA PHE A 72 19.88 -5.41 -5.53
C PHE A 72 20.71 -4.13 -5.45
N VAL A 73 20.89 -3.59 -4.24
CA VAL A 73 21.81 -2.48 -3.97
C VAL A 73 22.58 -2.80 -2.67
N THR A 74 23.69 -2.10 -2.42
CA THR A 74 24.38 -2.26 -1.16
C THR A 74 23.68 -1.48 -0.03
N ARG A 75 23.98 -1.85 1.20
CA ARG A 75 23.42 -1.17 2.32
C ARG A 75 23.82 0.31 2.35
N GLU A 76 25.06 0.60 1.97
CA GLU A 76 25.55 1.97 1.91
C GLU A 76 24.75 2.73 0.85
N GLN A 77 24.50 2.09 -0.31
CA GLN A 77 23.71 2.76 -1.34
C GLN A 77 22.30 3.03 -0.89
N GLY A 78 21.71 2.05 -0.24
CA GLY A 78 20.35 2.16 0.17
C GLY A 78 20.16 3.23 1.26
N ALA A 79 21.10 3.27 2.20
CA ALA A 79 21.11 4.28 3.28
C ALA A 79 21.27 5.68 2.70
N GLU A 80 22.15 5.82 1.70
CA GLU A 80 22.38 7.10 1.07
C GLU A 80 21.09 7.63 0.44
N ARG A 81 20.41 6.75 -0.30
CA ARG A 81 19.11 7.08 -0.89
C ARG A 81 18.06 7.45 0.18
N LEU A 83 18.50 8.55 3.22
CA LEU A 83 18.83 9.87 3.78
C LEU A 83 18.35 10.99 2.83
N LYS A 84 18.57 10.84 1.52
CA LYS A 84 18.09 11.82 0.56
C LYS A 84 16.55 12.01 0.69
N ILE A 85 15.82 10.89 0.79
CA ILE A 85 14.39 10.90 0.86
C ILE A 85 13.90 11.60 2.11
N VAL A 86 14.42 11.23 3.27
CA VAL A 86 13.91 11.79 4.52
C VAL A 86 14.37 13.24 4.72
N ARG A 87 15.54 13.58 4.20
CA ARG A 87 15.91 14.99 4.18
C ARG A 87 14.95 15.83 3.32
N PHE A 88 14.59 15.35 2.15
CA PHE A 88 13.65 16.05 1.28
C PHE A 88 12.27 16.22 1.93
N LEU A 89 11.75 15.15 2.53
CA LEU A 89 10.45 15.19 3.13
C LEU A 89 10.40 16.12 4.37
N SER A 90 11.52 16.25 5.09
CA SER A 90 11.54 17.05 6.28
C SER A 90 11.94 18.51 6.01
N ASP A 91 12.41 18.83 4.80
CA ASP A 91 12.90 20.17 4.49
C ASP A 91 11.75 21.18 4.68
N LYS A 92 12.04 22.30 5.33
CA LYS A 92 11.03 23.35 5.55
CA LYS A 92 11.02 23.35 5.55
C LYS A 92 10.43 23.91 4.24
N ASN A 93 11.14 23.76 3.13
CA ASN A 93 10.67 24.20 1.80
C ASN A 93 9.79 23.18 1.04
N THR A 94 9.73 21.96 1.57
CA THR A 94 8.78 20.95 1.09
C THR A 94 7.49 21.16 1.81
N ASP A 95 6.39 21.31 1.06
CA ASP A 95 5.10 21.61 1.66
C ASP A 95 4.59 20.50 2.58
N SER A 96 4.11 20.95 3.73
CA SER A 96 3.43 20.10 4.69
C SER A 96 2.39 20.90 5.48
N TYR A 97 1.44 20.19 6.06
CA TYR A 97 0.27 20.76 6.72
C TYR A 97 -0.01 19.93 7.96
N HIS A 98 0.23 20.51 9.13
CA HIS A 98 0.02 19.83 10.41
C HIS A 98 0.79 18.50 10.47
N GLY A 99 2.00 18.53 9.92
CA GLY A 99 2.90 17.39 9.83
C GLY A 99 2.65 16.41 8.69
N TRP A 101 1.80 15.43 4.54
CA TRP A 101 2.00 15.87 3.15
C TRP A 101 0.73 15.72 2.33
N ALA A 102 0.75 16.40 1.17
CA ALA A 102 -0.21 16.22 0.09
C ALA A 102 -0.08 14.82 -0.59
N HIS A 103 -1.12 14.43 -1.33
CA HIS A 103 -1.12 13.20 -2.13
C HIS A 103 0.03 13.31 -3.16
N TRP A 104 0.05 14.40 -3.91
CA TRP A 104 1.08 14.65 -4.92
C TRP A 104 1.91 15.88 -4.57
N ASN A 106 5.68 18.07 -6.23
CA ASN A 106 6.68 18.15 -7.26
C ASN A 106 7.93 17.44 -6.74
N GLY A 107 8.41 16.43 -7.47
CA GLY A 107 9.56 15.62 -7.02
C GLY A 107 10.93 16.30 -7.05
N LYS A 108 10.99 17.49 -7.65
CA LYS A 108 12.18 18.33 -7.61
C LYS A 108 12.05 19.44 -6.56
N THR A 109 10.93 20.15 -6.47
CA THR A 109 10.85 21.33 -5.60
C THR A 109 10.15 21.09 -4.28
N GLY A 110 9.41 20.00 -4.17
CA GLY A 110 8.68 19.70 -2.95
C GLY A 110 7.38 20.51 -2.76
N LYS A 111 6.93 21.24 -3.77
CA LYS A 111 5.70 21.99 -3.67
C LYS A 111 4.48 21.09 -3.97
N THR A 112 3.42 21.26 -3.20
CA THR A 112 2.21 20.50 -3.41
C THR A 112 1.69 20.65 -4.83
N ILE A 113 1.21 19.54 -5.39
CA ILE A 113 0.40 19.52 -6.66
C ILE A 113 -0.98 19.05 -6.27
N PRO A 114 -1.99 19.90 -6.44
CA PRO A 114 -3.34 19.46 -6.09
C PRO A 114 -3.77 18.22 -6.83
N PHE A 115 -4.45 17.33 -6.11
CA PHE A 115 -5.00 16.13 -6.68
C PHE A 115 -6.38 16.44 -7.34
N SER A 116 -7.13 17.38 -6.77
CA SER A 116 -8.34 17.91 -7.37
C SER A 116 -8.53 19.34 -6.86
N ARG A 117 -9.55 20.01 -7.33
CA ARG A 117 -9.76 21.43 -7.04
C ARG A 117 -9.67 21.80 -5.56
N LYS A 118 -10.35 21.05 -4.70
CA LYS A 118 -10.37 21.33 -3.28
C LYS A 118 -9.42 20.43 -2.46
N ASP A 119 -8.72 19.50 -3.14
CA ASP A 119 -7.74 18.58 -2.49
C ASP A 119 -6.33 19.06 -2.79
N ASP A 120 -5.93 20.07 -2.05
CA ASP A 120 -4.66 20.76 -2.28
C ASP A 120 -3.88 21.01 -1.03
N GLY A 121 -4.17 20.21 0.00
CA GLY A 121 -3.46 20.25 1.27
C GLY A 121 -3.04 18.86 1.71
N ALA A 122 -3.20 18.60 3.00
CA ALA A 122 -2.87 17.32 3.58
C ALA A 122 -3.79 16.21 3.02
N ASP A 123 -3.17 15.06 2.80
CA ASP A 123 -3.85 13.77 2.57
C ASP A 123 -3.30 12.80 3.59
N ILE A 124 -4.08 12.48 4.62
CA ILE A 124 -3.50 11.72 5.70
C ILE A 124 -3.44 10.22 5.44
N VAL A 125 -4.17 9.73 4.44
CA VAL A 125 -4.08 8.31 4.07
C VAL A 125 -2.75 8.12 3.35
N GLU A 126 -2.46 8.98 2.39
CA GLU A 126 -1.16 8.91 1.68
C GLU A 126 -0.03 9.12 2.70
N SER A 127 -0.23 10.03 3.64
CA SER A 127 0.86 10.29 4.61
C SER A 127 1.06 9.09 5.53
N ALA A 128 -0.05 8.40 5.87
CA ALA A 128 0.00 7.21 6.73
C ALA A 128 0.80 6.08 6.02
N PHE A 129 0.63 5.93 4.71
CA PHE A 129 1.38 4.94 3.97
C PHE A 129 2.86 5.30 3.93
N PHE A 131 4.35 6.96 6.46
CA PHE A 131 4.81 6.63 7.82
C PHE A 131 4.93 5.12 8.03
N GLU A 132 4.06 4.36 7.39
CA GLU A 132 4.18 2.88 7.45
C GLU A 132 5.59 2.46 6.99
N GLY A 133 6.01 2.95 5.84
CA GLY A 133 7.37 2.77 5.41
C GLY A 133 8.46 3.40 6.27
N LEU A 134 8.30 4.65 6.70
CA LEU A 134 9.34 5.32 7.48
C LEU A 134 9.53 4.63 8.83
N LEU A 135 8.46 4.10 9.43
CA LEU A 135 8.67 3.47 10.75
C LEU A 135 9.43 2.12 10.60
N ALA A 136 9.16 1.37 9.53
CA ALA A 136 9.95 0.20 9.14
C ALA A 136 11.40 0.61 8.93
N ALA A 137 11.64 1.68 8.19
CA ALA A 137 13.03 2.15 7.94
C ALA A 137 13.73 2.54 9.24
N HIS A 138 13.03 3.22 10.14
CA HIS A 138 13.56 3.55 11.47
C HIS A 138 14.06 2.29 12.23
N GLN A 139 13.35 1.20 12.09
CA GLN A 139 13.69 -0.04 12.76
C GLN A 139 14.73 -0.85 12.01
N TYR A 140 15.00 -0.50 10.75
CA TYR A 140 16.01 -1.25 9.96
C TYR A 140 17.40 -0.62 9.99
N PHE A 141 17.46 0.71 9.79
CA PHE A 141 18.75 1.46 9.76
C PHE A 141 19.30 1.79 11.14
N THR A 142 19.77 0.75 11.83
CA THR A 142 20.12 0.80 13.25
C THR A 142 21.61 0.92 13.50
N LYS A 143 22.45 1.07 12.47
CA LYS A 143 23.90 1.19 12.66
CA LYS A 143 23.89 1.15 12.71
C LYS A 143 24.26 2.51 13.32
N ASP A 144 25.29 2.51 14.13
CA ASP A 144 25.79 3.74 14.72
C ASP A 144 26.79 4.35 13.71
N ASN A 145 26.31 5.01 12.69
CA ASN A 145 27.19 5.79 11.82
C ASN A 145 26.45 7.06 11.40
N PRO A 146 27.16 8.01 10.78
CA PRO A 146 26.51 9.31 10.61
C PRO A 146 25.24 9.26 9.76
N THR A 147 25.25 8.46 8.68
CA THR A 147 24.09 8.40 7.80
C THR A 147 22.88 7.80 8.51
N GLU A 148 23.07 6.70 9.22
CA GLU A 148 21.92 5.97 9.77
C GLU A 148 21.48 6.64 11.06
N ASN A 149 22.39 7.27 11.79
CA ASN A 149 21.99 8.05 12.96
C ASN A 149 21.05 9.16 12.52
N ARG A 150 21.35 9.76 11.37
CA ARG A 150 20.60 10.92 10.88
C ARG A 150 19.26 10.47 10.29
N ILE A 151 19.24 9.35 9.56
CA ILE A 151 18.00 8.74 9.12
C ILE A 151 17.02 8.54 10.28
N ARG A 152 17.47 7.90 11.34
CA ARG A 152 16.60 7.64 12.49
C ARG A 152 16.11 8.91 13.16
N GLY A 153 17.02 9.88 13.35
CA GLY A 153 16.69 11.17 13.97
C GLY A 153 15.64 11.94 13.19
N ILE A 154 15.82 11.98 11.87
CA ILE A 154 14.90 12.70 11.04
C ILE A 154 13.56 12.00 11.07
N ILE A 155 13.54 10.67 10.95
CA ILE A 155 12.27 9.93 10.91
C ILE A 155 11.54 10.13 12.25
N ASN A 156 12.28 10.06 13.37
CA ASN A 156 11.61 10.15 14.65
C ASN A 156 10.95 11.53 14.81
N ASN A 157 11.64 12.59 14.36
CA ASN A 157 11.09 13.94 14.40
CA ASN A 157 11.10 13.96 14.39
C ASN A 157 9.86 14.11 13.49
N LEU A 158 9.92 13.59 12.26
CA LEU A 158 8.74 13.55 11.38
C LEU A 158 7.58 12.82 12.03
N TRP A 159 7.88 11.65 12.61
CA TRP A 159 6.83 10.89 13.26
C TRP A 159 6.22 11.67 14.44
N ARG A 160 7.05 12.30 15.28
CA ARG A 160 6.53 13.08 16.40
C ARG A 160 5.74 14.35 15.94
N GLN A 161 6.01 14.85 14.75
CA GLN A 161 5.34 16.05 14.24
C GLN A 161 4.01 15.77 13.50
N ALA A 162 3.66 14.49 13.29
CA ALA A 162 2.47 14.13 12.53
C ALA A 162 1.25 14.26 13.45
N GLU A 163 0.37 15.25 13.18
CA GLU A 163 -0.73 15.64 14.10
C GLU A 163 -2.03 14.87 13.82
N TRP A 164 -2.00 13.56 14.09
CA TRP A 164 -3.16 12.70 13.78
C TRP A 164 -4.47 13.26 14.37
N ASN A 165 -4.43 13.67 15.62
CA ASN A 165 -5.67 14.04 16.29
CA ASN A 165 -5.60 14.11 16.39
C ASN A 165 -6.30 15.32 15.76
N PHE A 166 -5.50 16.19 15.13
CA PHE A 166 -6.06 17.36 14.44
C PHE A 166 -7.13 16.95 13.42
N PHE A 167 -6.94 15.79 12.77
CA PHE A 167 -7.80 15.35 11.71
C PHE A 167 -9.09 14.71 12.16
N THR A 168 -9.30 14.66 13.47
CA THR A 168 -10.57 14.29 14.01
C THR A 168 -11.61 15.44 14.07
N GLN A 169 -11.15 16.70 13.92
CA GLN A 169 -12.00 17.87 14.26
C GLN A 169 -12.66 17.76 15.65
N GLY A 170 -12.02 17.05 16.59
CA GLY A 170 -12.60 16.87 17.92
C GLY A 170 -13.78 15.89 17.94
N GLN A 171 -14.02 15.14 16.85
CA GLN A 171 -15.10 14.17 16.77
C GLN A 171 -14.53 12.74 16.93
N ASP A 172 -15.45 11.76 16.93
CA ASP A 172 -15.11 10.34 17.02
C ASP A 172 -14.98 9.67 15.62
N VAL A 173 -14.13 10.24 14.77
CA VAL A 173 -13.85 9.69 13.44
C VAL A 173 -12.67 10.53 12.95
N TYR A 175 -10.80 12.33 9.44
CA TYR A 175 -11.06 12.89 8.14
C TYR A 175 -9.80 12.73 7.28
N TRP A 176 -10.05 12.49 5.99
CA TRP A 176 -9.05 12.13 4.99
C TRP A 176 -8.13 13.33 4.63
N HIS A 177 -8.70 14.55 4.55
CA HIS A 177 -8.03 15.70 4.01
C HIS A 177 -8.19 16.91 4.95
N TRP A 178 -7.27 17.86 4.76
CA TRP A 178 -7.41 19.24 5.25
C TRP A 178 -6.60 20.17 4.35
N SER A 179 -7.17 21.36 4.12
CA SER A 179 -6.59 22.33 3.22
C SER A 179 -6.52 23.74 3.81
N PRO A 180 -5.41 24.45 3.59
CA PRO A 180 -5.33 25.83 4.00
C PRO A 180 -6.29 26.72 3.24
N ASN A 181 -6.70 26.29 2.05
CA ASN A 181 -7.55 27.11 1.16
C ASN A 181 -9.04 26.70 1.22
N ASN A 182 -9.30 25.45 1.58
CA ASN A 182 -10.68 24.90 1.57
C ASN A 182 -11.08 24.28 2.89
N GLY A 183 -10.22 24.40 3.91
CA GLY A 183 -10.51 23.87 5.22
C GLY A 183 -10.94 22.41 5.16
N TRP A 184 -12.10 22.12 5.74
CA TRP A 184 -12.67 20.76 5.80
C TRP A 184 -13.65 20.45 4.69
N ALA A 185 -13.63 21.22 3.60
CA ALA A 185 -14.64 21.07 2.54
C ALA A 185 -14.65 19.66 1.88
N ASN A 187 -14.48 16.92 3.37
CA ASN A 187 -15.49 16.32 4.25
C ASN A 187 -15.63 14.79 4.02
N HIS A 188 -14.49 14.06 4.02
CA HIS A 188 -14.49 12.62 3.70
C HIS A 188 -14.07 11.86 4.98
N GLN A 189 -15.06 11.32 5.70
CA GLN A 189 -14.78 10.51 6.89
C GLN A 189 -14.12 9.18 6.48
N ILE A 190 -13.11 8.76 7.22
CA ILE A 190 -12.44 7.48 6.91
C ILE A 190 -13.21 6.39 7.65
N LYS A 191 -13.99 5.64 6.89
CA LYS A 191 -14.90 4.63 7.45
C LYS A 191 -14.44 3.26 6.94
N GLY A 192 -14.48 2.26 7.80
CA GLY A 192 -14.01 0.90 7.45
C GLY A 192 -15.03 0.09 6.69
N HIS A 193 -14.68 -1.08 6.12
CA HIS A 193 -13.32 -1.63 6.11
C HIS A 193 -12.79 -1.52 4.68
N ASN A 194 -11.87 -0.59 4.49
CA ASN A 194 -11.22 -0.34 3.20
C ASN A 194 -9.71 -0.40 3.35
N GLU A 195 -8.97 0.34 2.52
CA GLU A 195 -7.51 0.33 2.57
C GLU A 195 -6.91 1.16 3.67
N CYS A 196 -7.71 1.92 4.43
CA CYS A 196 -7.16 2.94 5.34
C CYS A 196 -6.97 2.53 6.81
N HIS A 197 -7.02 1.25 7.13
CA HIS A 197 -6.94 0.79 8.53
C HIS A 197 -5.76 1.41 9.30
N ILE A 198 -4.64 1.50 8.61
CA ILE A 198 -3.37 1.93 9.18
C ILE A 198 -3.42 3.38 9.68
N VAL A 199 -4.29 4.18 9.09
CA VAL A 199 -4.46 5.54 9.58
C VAL A 199 -4.89 5.57 11.04
N TYR A 200 -5.83 4.70 11.42
CA TYR A 200 -6.32 4.64 12.80
C TYR A 200 -5.29 4.02 13.72
N ILE A 201 -4.57 2.98 13.25
CA ILE A 201 -3.51 2.36 14.05
C ILE A 201 -2.39 3.37 14.35
N LEU A 202 -1.92 4.13 13.34
CA LEU A 202 -0.89 5.14 13.57
C LEU A 202 -1.42 6.26 14.47
N GLY A 203 -2.65 6.69 14.21
CA GLY A 203 -3.29 7.70 15.08
C GLY A 203 -3.29 7.27 16.55
N ALA A 204 -3.55 5.99 16.81
CA ALA A 204 -3.62 5.47 18.17
C ALA A 204 -2.22 5.32 18.75
N SER A 205 -1.22 5.16 17.86
CA SER A 205 0.18 4.91 18.24
C SER A 205 1.00 6.18 18.54
N SER A 206 0.51 7.32 18.11
CA SER A 206 1.28 8.58 18.24
C SER A 206 1.70 8.90 19.66
N PRO A 207 3.00 9.22 19.86
CA PRO A 207 3.42 9.64 21.19
C PRO A 207 3.06 11.09 21.51
N THR A 208 2.57 11.85 20.53
CA THR A 208 2.44 13.29 20.68
C THR A 208 1.06 13.82 20.36
N TYR A 209 0.38 13.27 19.35
CA TYR A 209 -0.96 13.73 18.96
C TYR A 209 -1.90 12.52 18.74
N PRO A 210 -2.04 11.67 19.74
CA PRO A 210 -2.83 10.43 19.57
C PRO A 210 -4.35 10.70 19.55
N ILE A 211 -5.06 9.80 18.90
CA ILE A 211 -6.53 9.76 18.93
C ILE A 211 -7.05 9.03 20.16
N ALA A 212 -8.25 9.41 20.60
CA ALA A 212 -8.98 8.65 21.60
C ALA A 212 -9.41 7.28 21.01
N GLU A 213 -9.57 6.29 21.86
CA GLU A 213 -10.01 4.96 21.41
C GLU A 213 -11.35 5.00 20.74
N SER A 214 -12.24 5.85 21.25
CA SER A 214 -13.57 5.97 20.70
C SER A 214 -13.58 6.44 19.21
N VAL A 215 -12.50 7.09 18.77
CA VAL A 215 -12.34 7.50 17.38
C VAL A 215 -12.29 6.24 16.50
N TYR A 216 -11.58 5.21 16.96
CA TYR A 216 -11.52 3.94 16.24
C TYR A 216 -12.88 3.21 16.32
N HIS A 217 -13.37 2.99 17.53
CA HIS A 217 -14.56 2.15 17.71
C HIS A 217 -15.86 2.75 17.14
N LYS A 218 -16.03 4.07 17.22
CA LYS A 218 -17.22 4.74 16.63
C LYS A 218 -17.06 5.26 15.22
N GLY A 219 -15.85 5.64 14.83
CA GLY A 219 -15.63 6.16 13.51
C GLY A 219 -15.26 5.09 12.48
N TRP A 220 -14.12 4.45 12.66
CA TRP A 220 -13.71 3.42 11.74
C TRP A 220 -14.69 2.26 11.72
N ALA A 221 -15.08 1.78 12.91
CA ALA A 221 -15.71 0.46 13.05
C ALA A 221 -17.24 0.45 13.02
N ASN A 222 -17.84 1.34 12.26
CA ASN A 222 -19.31 1.40 12.20
C ASN A 222 -19.71 2.01 10.86
N ALA A 223 -20.10 1.15 9.90
CA ALA A 223 -20.38 1.56 8.51
C ALA A 223 -21.05 0.42 7.77
N ASN A 224 -21.85 0.74 6.75
CA ASN A 224 -22.41 -0.27 5.87
C ASN A 224 -21.34 -1.22 5.28
N THR A 225 -20.13 -0.69 5.12
CA THR A 225 -18.99 -1.37 4.53
C THR A 225 -18.05 -2.03 5.59
N PHE A 226 -18.42 -1.96 6.88
CA PHE A 226 -17.60 -2.56 7.94
C PHE A 226 -18.01 -4.01 8.25
N LEU A 227 -18.89 -4.28 9.19
CA LEU A 227 -19.20 -5.67 9.52
C LEU A 227 -19.92 -6.27 8.31
N ASN A 228 -19.47 -7.47 7.89
CA ASN A 228 -20.07 -8.15 6.77
C ASN A 228 -20.55 -9.52 7.26
N GLY A 229 -19.63 -10.48 7.34
CA GLY A 229 -20.02 -11.81 7.84
C GLY A 229 -20.84 -12.63 6.85
N ARG A 230 -21.07 -12.15 5.63
CA ARG A 230 -21.88 -12.98 4.69
C ARG A 230 -20.97 -14.00 3.99
N GLU A 231 -21.58 -14.93 3.29
CA GLU A 231 -20.87 -15.99 2.60
C GLU A 231 -20.86 -15.71 1.08
N TYR A 232 -19.71 -15.87 0.46
CA TYR A 232 -19.57 -15.73 -0.98
C TYR A 232 -18.81 -16.96 -1.51
N TYR A 233 -19.43 -17.70 -2.42
CA TYR A 233 -18.83 -18.96 -2.92
C TYR A 233 -18.39 -19.85 -1.75
N GLY A 234 -19.24 -19.93 -0.72
CA GLY A 234 -18.96 -20.80 0.43
C GLY A 234 -17.93 -20.24 1.39
N ILE A 235 -17.45 -19.02 1.19
CA ILE A 235 -16.43 -18.42 2.09
C ILE A 235 -17.00 -17.23 2.90
N LYS A 236 -16.81 -17.29 4.22
CA LYS A 236 -17.30 -16.28 5.11
C LYS A 236 -16.33 -15.09 5.04
N LEU A 237 -16.84 -13.89 4.74
CA LEU A 237 -16.03 -12.67 4.68
C LEU A 237 -16.33 -11.79 5.90
N PRO A 238 -15.38 -11.68 6.88
CA PRO A 238 -15.70 -10.94 8.12
C PRO A 238 -16.11 -9.49 7.92
N LEU A 239 -15.39 -8.78 7.07
CA LEU A 239 -15.53 -7.36 6.87
C LEU A 239 -15.58 -6.94 5.37
N GLY A 240 -16.12 -5.75 5.12
CA GLY A 240 -15.95 -5.12 3.82
C GLY A 240 -17.24 -5.01 3.01
N ASN A 241 -17.12 -4.31 1.89
CA ASN A 241 -18.22 -4.00 0.98
C ASN A 241 -19.02 -5.23 0.60
N ASN A 242 -20.33 -5.13 0.69
CA ASN A 242 -21.20 -6.25 0.32
C ASN A 242 -21.26 -6.59 -1.20
N HIS A 243 -21.80 -5.68 -2.01
CA HIS A 243 -21.95 -5.82 -3.47
C HIS A 243 -20.58 -6.07 -4.10
N GLY A 244 -19.55 -5.44 -3.55
CA GLY A 244 -18.19 -5.62 -4.07
C GLY A 244 -17.47 -6.86 -3.59
N LYS A 245 -18.15 -7.72 -2.82
CA LYS A 245 -17.54 -8.93 -2.25
C LYS A 245 -16.19 -8.62 -1.60
N GLY A 246 -16.17 -7.59 -0.80
CA GLY A 246 -14.95 -7.11 -0.11
C GLY A 246 -14.31 -5.88 -0.74
N GLY A 247 -14.57 -5.67 -2.03
CA GLY A 247 -14.02 -4.55 -2.74
C GLY A 247 -12.81 -4.94 -3.60
N PRO A 248 -12.19 -3.95 -4.20
CA PRO A 248 -10.90 -4.13 -4.89
C PRO A 248 -9.87 -4.80 -3.95
N LEU A 249 -9.09 -5.74 -4.50
CA LEU A 249 -8.21 -6.60 -3.68
C LEU A 249 -7.09 -5.81 -2.98
N PHE A 250 -6.75 -4.60 -3.48
CA PHE A 250 -5.70 -3.83 -2.80
C PHE A 250 -6.04 -3.43 -1.35
N PHE A 251 -7.32 -3.52 -0.97
CA PHE A 251 -7.68 -3.32 0.43
C PHE A 251 -6.90 -4.29 1.38
N THR A 252 -6.46 -5.45 0.88
CA THR A 252 -5.67 -6.42 1.69
C THR A 252 -4.16 -6.16 1.62
N HIS A 253 -3.75 -5.08 0.93
CA HIS A 253 -2.36 -4.80 0.71
C HIS A 253 -1.84 -3.52 1.41
N TYR A 254 -2.47 -2.37 1.22
CA TYR A 254 -1.76 -1.12 1.56
C TYR A 254 -1.42 -0.91 3.06
N SER A 255 -2.35 -1.22 3.94
CA SER A 255 -2.16 -1.14 5.39
C SER A 255 -1.39 -2.34 5.96
N TYR A 256 -1.22 -3.41 5.17
CA TYR A 256 -0.71 -4.71 5.64
C TYR A 256 0.66 -5.04 5.04
N GLY A 258 3.34 -3.23 6.39
CA GLY A 258 4.06 -3.27 7.70
C GLY A 258 3.28 -3.98 8.81
N LEU A 259 1.99 -3.69 8.86
CA LEU A 259 1.09 -4.33 9.82
C LEU A 259 0.87 -5.80 9.37
N ASP A 260 1.40 -6.72 10.15
CA ASP A 260 1.28 -8.14 9.88
C ASP A 260 -0.10 -8.63 10.35
N PRO A 261 -0.96 -9.07 9.40
CA PRO A 261 -2.28 -9.60 9.78
C PRO A 261 -2.31 -11.00 10.33
N ARG A 262 -1.18 -11.73 10.27
CA ARG A 262 -1.15 -13.09 10.79
C ARG A 262 -1.24 -13.11 12.33
N GLY A 263 -2.26 -13.78 12.84
CA GLY A 263 -2.55 -13.81 14.28
C GLY A 263 -3.05 -12.48 14.81
N LEU A 264 -3.33 -11.51 13.93
CA LEU A 264 -3.85 -10.20 14.34
C LEU A 264 -5.36 -10.23 14.53
N LYS A 265 -5.83 -9.80 15.72
CA LYS A 265 -7.24 -9.87 16.09
C LYS A 265 -7.64 -8.65 16.91
N ASP A 266 -8.79 -8.05 16.62
CA ASP A 266 -9.37 -7.04 17.53
C ASP A 266 -10.76 -7.54 17.84
N ARG A 267 -11.61 -6.71 18.45
CA ARG A 267 -12.94 -7.19 18.83
C ARG A 267 -13.84 -7.42 17.62
N TYR A 268 -13.48 -6.96 16.43
CA TYR A 268 -14.30 -7.07 15.25
C TYR A 268 -13.89 -8.21 14.34
N ALA A 269 -12.60 -8.49 14.19
CA ALA A 269 -12.21 -9.54 13.25
C ALA A 269 -10.88 -10.22 13.56
N ASP A 270 -10.74 -11.40 12.95
CA ASP A 270 -9.45 -12.08 12.79
C ASP A 270 -8.94 -11.66 11.44
N TYR A 271 -7.89 -10.85 11.43
CA TYR A 271 -7.46 -10.20 10.21
C TYR A 271 -6.79 -11.14 9.25
N GLU A 272 -6.21 -12.22 9.76
CA GLU A 272 -5.67 -13.24 8.88
C GLU A 272 -6.79 -13.91 8.06
N GLU A 273 -7.89 -14.24 8.73
CA GLU A 273 -9.08 -14.75 8.07
C GLU A 273 -9.60 -13.73 7.03
N GLN A 274 -9.63 -12.45 7.39
CA GLN A 274 -10.14 -11.43 6.49
C GLN A 274 -9.34 -11.43 5.17
N LYS A 276 -7.28 -13.69 3.81
CA LYS A 276 -7.48 -14.94 3.08
C LYS A 276 -8.84 -15.01 2.42
N ALA A 277 -9.90 -14.69 3.17
CA ALA A 277 -11.27 -14.73 2.65
C ALA A 277 -11.41 -13.79 1.46
N HIS A 278 -10.97 -12.56 1.60
CA HIS A 278 -11.10 -11.59 0.53
C HIS A 278 -10.34 -12.05 -0.73
N THR A 279 -9.11 -12.51 -0.54
CA THR A 279 -8.32 -13.04 -1.67
C THR A 279 -9.02 -14.20 -2.38
N LEU A 280 -9.57 -15.13 -1.62
CA LEU A 280 -10.12 -16.36 -2.24
C LEU A 280 -11.48 -16.08 -2.88
N ILE A 281 -12.24 -15.18 -2.30
CA ILE A 281 -13.49 -14.72 -2.90
C ILE A 281 -13.24 -13.98 -4.25
N ASN A 282 -12.26 -13.09 -4.29
CA ASN A 282 -11.88 -12.36 -5.51
C ASN A 282 -11.48 -13.36 -6.62
N ARG A 283 -10.67 -14.33 -6.23
CA ARG A 283 -10.32 -15.42 -7.13
C ARG A 283 -11.52 -16.24 -7.56
N ALA A 284 -12.39 -16.62 -6.62
CA ALA A 284 -13.57 -17.44 -6.95
C ALA A 284 -14.48 -16.67 -7.92
N TYR A 285 -14.61 -15.36 -7.73
CA TYR A 285 -15.40 -14.56 -8.66
C TYR A 285 -14.82 -14.71 -10.08
N CYS A 286 -13.51 -14.64 -10.19
CA CYS A 286 -12.88 -14.69 -11.50
C CYS A 286 -13.05 -16.04 -12.14
N ILE A 287 -13.00 -17.10 -11.34
CA ILE A 287 -13.22 -18.44 -11.85
C ILE A 287 -14.67 -18.60 -12.26
N ASP A 288 -15.61 -18.10 -11.46
CA ASP A 288 -17.03 -18.10 -11.85
C ASP A 288 -17.23 -17.36 -13.19
N ASN A 289 -16.56 -16.21 -13.35
CA ASN A 289 -16.61 -15.41 -14.59
C ASN A 289 -18.04 -15.18 -15.08
N PRO A 290 -18.89 -14.60 -14.21
CA PRO A 290 -20.29 -14.50 -14.61
C PRO A 290 -20.53 -13.63 -15.83
N LYS A 291 -19.68 -12.65 -16.12
CA LYS A 291 -19.87 -11.80 -17.32
C LYS A 291 -19.28 -12.40 -18.59
N GLY A 292 -18.59 -13.53 -18.45
CA GLY A 292 -18.04 -14.26 -19.59
C GLY A 292 -16.85 -13.60 -20.28
N TYR A 293 -15.99 -12.90 -19.54
CA TYR A 293 -14.83 -12.30 -20.17
C TYR A 293 -13.84 -13.36 -20.65
N LYS A 294 -13.03 -13.02 -21.65
CA LYS A 294 -12.01 -13.95 -22.16
C LYS A 294 -10.86 -14.17 -21.16
N GLY A 295 -10.51 -15.44 -20.92
CA GLY A 295 -9.34 -15.81 -20.11
C GLY A 295 -9.44 -15.79 -18.59
N TYR A 296 -10.53 -15.30 -18.02
CA TYR A 296 -10.70 -15.28 -16.56
C TYR A 296 -10.67 -16.71 -16.04
N GLY A 297 -9.92 -16.98 -14.98
CA GLY A 297 -9.74 -18.39 -14.54
C GLY A 297 -8.71 -18.56 -13.44
N GLU A 298 -8.35 -19.81 -13.18
CA GLU A 298 -7.40 -20.16 -12.14
C GLU A 298 -6.03 -19.55 -12.39
N LYS A 299 -5.68 -19.40 -13.66
CA LYS A 299 -4.37 -18.87 -14.05
C LYS A 299 -4.43 -17.37 -14.17
N CYS A 300 -5.63 -16.82 -14.24
CA CYS A 300 -5.81 -15.45 -14.61
C CYS A 300 -6.94 -14.85 -13.79
N TRP A 301 -6.58 -14.35 -12.61
CA TRP A 301 -7.50 -13.77 -11.64
C TRP A 301 -6.86 -12.58 -10.96
N GLY A 302 -7.72 -11.76 -10.35
CA GLY A 302 -7.29 -10.65 -9.52
C GLY A 302 -7.87 -9.35 -10.03
N LEU A 303 -8.88 -8.85 -9.33
CA LEU A 303 -9.54 -7.56 -9.64
C LEU A 303 -9.25 -6.50 -8.55
N THR A 304 -8.71 -5.37 -9.00
CA THR A 304 -8.44 -4.23 -8.14
C THR A 304 -8.40 -2.94 -8.99
N ALA A 305 -8.29 -1.79 -8.32
CA ALA A 305 -8.16 -0.49 -8.98
C ALA A 305 -6.89 -0.42 -9.84
N SER A 306 -7.07 0.07 -11.06
CA SER A 306 -5.93 0.22 -11.97
C SER A 306 -6.34 0.95 -13.23
N ASP A 307 -5.36 1.17 -14.12
CA ASP A 307 -5.65 1.57 -15.49
C ASP A 307 -6.51 0.48 -16.17
N GLY A 308 -7.18 0.90 -17.24
CA GLY A 308 -8.09 0.06 -17.97
C GLY A 308 -8.22 0.52 -19.40
N ASP A 309 -8.70 -0.35 -20.27
CA ASP A 309 -8.88 -0.01 -21.66
C ASP A 309 -9.84 1.17 -21.88
N LYS A 310 -10.77 1.42 -20.96
CA LYS A 310 -11.70 2.54 -21.06
C LYS A 310 -11.35 3.63 -20.06
N GLY A 311 -10.24 3.48 -19.33
CA GLY A 311 -9.86 4.45 -18.33
C GLY A 311 -9.69 3.79 -16.96
N TYR A 312 -9.22 4.58 -15.99
CA TYR A 312 -8.92 4.09 -14.66
C TYR A 312 -10.23 3.81 -13.95
N SER A 313 -10.28 2.71 -13.21
CA SER A 313 -11.45 2.39 -12.40
C SER A 313 -11.13 1.42 -11.26
N ALA A 314 -11.93 1.47 -10.19
CA ALA A 314 -11.73 0.63 -9.00
C ALA A 314 -12.37 -0.75 -9.23
N HIS A 315 -11.71 -1.55 -10.05
CA HIS A 315 -12.29 -2.84 -10.49
C HIS A 315 -12.46 -3.76 -9.28
N SER A 316 -13.52 -4.56 -9.31
CA SER A 316 -13.78 -5.52 -8.25
C SER A 316 -14.90 -6.45 -8.72
N PRO A 317 -15.26 -7.44 -7.91
CA PRO A 317 -16.41 -8.26 -8.34
C PRO A 317 -17.74 -7.50 -8.49
N GLY A 318 -17.87 -6.32 -7.90
CA GLY A 318 -19.03 -5.45 -8.15
C GLY A 318 -18.81 -4.34 -9.17
N ASN A 319 -17.64 -4.34 -9.84
CA ASN A 319 -17.28 -3.38 -10.87
C ASN A 319 -16.24 -4.05 -11.79
N ASP A 320 -16.72 -5.03 -12.52
CA ASP A 320 -15.91 -5.88 -13.35
C ASP A 320 -16.06 -5.41 -14.78
N ARG A 321 -14.98 -4.89 -15.36
CA ARG A 321 -14.99 -4.29 -16.69
CA ARG A 321 -15.01 -4.29 -16.70
C ARG A 321 -14.12 -5.05 -17.68
N GLY A 322 -13.71 -6.27 -17.31
CA GLY A 322 -12.90 -7.15 -18.19
C GLY A 322 -11.39 -7.01 -18.00
N VAL A 323 -10.97 -6.21 -17.01
CA VAL A 323 -9.58 -5.83 -16.75
C VAL A 323 -9.06 -6.67 -15.56
N ILE A 324 -8.03 -7.46 -15.82
CA ILE A 324 -7.26 -8.16 -14.78
C ILE A 324 -6.00 -7.33 -14.49
N THR A 325 -5.69 -7.18 -13.22
CA THR A 325 -4.66 -6.29 -12.79
C THR A 325 -3.63 -7.11 -11.94
N PRO A 326 -2.38 -7.28 -12.46
CA PRO A 326 -1.43 -8.19 -11.81
C PRO A 326 -1.15 -7.95 -10.34
N THR A 327 -1.15 -6.68 -9.89
CA THR A 327 -0.90 -6.44 -8.49
C THR A 327 -1.91 -7.09 -7.55
N ALA A 328 -3.14 -7.38 -8.02
CA ALA A 328 -4.17 -8.06 -7.21
C ALA A 328 -3.68 -9.43 -6.74
N ALA A 329 -3.48 -10.35 -7.68
CA ALA A 329 -3.03 -11.71 -7.31
C ALA A 329 -1.62 -11.70 -6.70
N LEU A 330 -0.71 -10.95 -7.29
CA LEU A 330 0.69 -11.06 -6.94
C LEU A 330 0.91 -10.58 -5.52
N SER A 331 0.27 -9.45 -5.16
CA SER A 331 0.49 -8.89 -3.84
C SER A 331 -0.25 -9.63 -2.71
N SER A 332 -1.15 -10.53 -3.09
CA SER A 332 -1.89 -11.38 -2.19
C SER A 332 -1.17 -12.71 -1.92
N ILE A 333 0.08 -12.83 -2.41
CA ILE A 333 0.91 -14.03 -2.25
C ILE A 333 1.02 -14.57 -0.81
N PRO A 334 1.14 -13.72 0.23
CA PRO A 334 1.21 -14.39 1.52
C PRO A 334 -0.11 -14.98 1.95
N TYR A 335 -1.20 -14.59 1.31
CA TYR A 335 -2.51 -15.05 1.73
C TYR A 335 -2.95 -16.31 0.99
N ALA A 336 -2.51 -16.51 -0.26
CA ALA A 336 -2.86 -17.71 -1.02
C ALA A 336 -1.70 -18.01 -1.95
N PRO A 337 -0.57 -18.48 -1.38
CA PRO A 337 0.67 -18.48 -2.18
C PRO A 337 0.65 -19.32 -3.46
N GLU A 338 0.06 -20.50 -3.40
CA GLU A 338 0.03 -21.39 -4.57
C GLU A 338 -0.78 -20.75 -5.71
N TYR A 339 -1.89 -20.10 -5.35
CA TYR A 339 -2.73 -19.50 -6.35
C TYR A 339 -2.09 -18.24 -6.92
N SER A 340 -1.38 -17.49 -6.09
CA SER A 340 -0.68 -16.31 -6.57
C SER A 340 0.50 -16.69 -7.42
N LEU A 341 1.27 -17.71 -7.02
CA LEU A 341 2.36 -18.19 -7.87
C LEU A 341 1.87 -18.72 -9.23
N GLU A 342 0.68 -19.31 -9.28
CA GLU A 342 0.09 -19.83 -10.52
C GLU A 342 -0.18 -18.64 -11.50
N ALA A 343 -0.73 -17.55 -10.96
CA ALA A 343 -1.04 -16.36 -11.74
C ALA A 343 0.26 -15.69 -12.20
N ARG A 345 3.17 -17.07 -12.77
CA ARG A 345 3.84 -17.83 -13.82
C ARG A 345 3.10 -17.67 -15.15
N TYR A 346 1.78 -17.60 -15.10
CA TYR A 346 0.97 -17.40 -16.31
C TYR A 346 1.25 -16.01 -16.92
N PHE A 347 1.32 -14.99 -16.05
CA PHE A 347 1.57 -13.63 -16.50
C PHE A 347 2.94 -13.52 -17.14
N TYR A 348 3.92 -14.21 -16.58
CA TYR A 348 5.28 -14.16 -17.09
C TYR A 348 5.45 -15.06 -18.32
N GLU A 349 5.09 -16.32 -18.21
CA GLU A 349 5.40 -17.27 -19.26
C GLU A 349 4.44 -17.14 -20.43
N GLU A 350 3.15 -16.93 -20.19
CA GLU A 350 2.20 -16.93 -21.28
C GLU A 350 1.92 -15.52 -21.79
N LEU A 351 1.73 -14.57 -20.89
CA LEU A 351 1.46 -13.19 -21.32
C LEU A 351 2.70 -12.30 -21.41
N GLY A 352 3.87 -12.82 -21.12
CA GLY A 352 5.03 -11.94 -20.90
C GLY A 352 5.47 -11.09 -22.09
N ASP A 353 5.30 -11.60 -23.29
CA ASP A 353 5.68 -10.84 -24.49
C ASP A 353 4.88 -9.53 -24.59
N ARG A 354 3.68 -9.48 -24.02
CA ARG A 354 2.90 -8.25 -24.07
CA ARG A 354 2.80 -8.31 -24.07
C ARG A 354 2.71 -7.57 -22.72
N LEU A 355 2.92 -8.30 -21.63
CA LEU A 355 2.71 -7.75 -20.26
C LEU A 355 3.99 -7.41 -19.50
N TRP A 356 5.10 -8.05 -19.84
CA TRP A 356 6.35 -7.90 -19.05
C TRP A 356 7.20 -6.87 -19.75
N GLY A 357 7.78 -5.94 -19.04
CA GLY A 357 8.67 -4.95 -19.70
C GLY A 357 9.66 -4.39 -18.69
N GLU A 358 10.09 -3.17 -18.96
CA GLU A 358 11.20 -2.56 -18.24
C GLU A 358 11.06 -2.56 -16.72
N TYR A 359 9.87 -2.31 -16.19
CA TYR A 359 9.67 -2.13 -14.73
C TYR A 359 8.82 -3.27 -14.16
N GLY A 360 8.86 -4.41 -14.82
CA GLY A 360 8.08 -5.56 -14.38
C GLY A 360 6.84 -5.80 -15.23
N PHE A 361 5.80 -6.29 -14.55
CA PHE A 361 4.48 -6.43 -15.13
C PHE A 361 3.86 -5.06 -15.28
N LYS A 362 3.33 -4.82 -16.46
CA LYS A 362 2.60 -3.61 -16.73
C LYS A 362 1.27 -3.65 -15.93
N ASP A 363 0.61 -2.50 -15.87
CA ASP A 363 -0.38 -2.28 -14.83
C ASP A 363 -1.60 -3.19 -14.85
N ALA A 364 -2.06 -3.53 -16.06
CA ALA A 364 -3.32 -4.22 -16.25
C ALA A 364 -3.45 -4.66 -17.70
N PHE A 365 -4.40 -5.55 -17.91
CA PHE A 365 -4.72 -6.04 -19.25
C PHE A 365 -6.17 -6.49 -19.34
N ASN A 366 -6.65 -6.52 -20.57
CA ASN A 366 -8.00 -6.96 -20.90
C ASN A 366 -7.94 -7.87 -22.11
N LEU A 367 -7.96 -9.18 -21.90
CA LEU A 367 -7.83 -10.11 -23.03
C LEU A 367 -9.05 -10.06 -23.97
N THR A 368 -10.23 -9.71 -23.46
CA THR A 368 -11.42 -9.59 -24.30
C THR A 368 -11.24 -8.48 -25.32
N GLU A 369 -10.69 -7.32 -24.94
CA GLU A 369 -10.48 -6.21 -25.88
C GLU A 369 -9.06 -6.21 -26.48
N ASN A 370 -8.28 -7.24 -26.17
CA ASN A 370 -6.89 -7.37 -26.58
C ASN A 370 -6.03 -6.17 -26.20
N TRP A 371 -6.17 -5.70 -24.97
CA TRP A 371 -5.50 -4.50 -24.51
C TRP A 371 -4.54 -4.82 -23.37
N PHE A 372 -3.35 -4.24 -23.46
CA PHE A 372 -2.37 -4.31 -22.38
C PHE A 372 -1.95 -2.87 -22.05
N ALA A 373 -2.02 -2.53 -20.78
CA ALA A 373 -1.67 -1.20 -20.28
C ALA A 373 -0.27 -0.82 -20.79
N PRO A 374 -0.07 0.44 -21.17
CA PRO A 374 1.27 0.86 -21.47
C PRO A 374 1.99 1.35 -20.20
N SER A 375 1.37 1.30 -19.04
CA SER A 375 1.85 2.02 -17.89
C SER A 375 2.31 1.09 -16.77
N TYR A 376 3.06 1.70 -15.88
CA TYR A 376 3.34 1.21 -14.53
C TYR A 376 2.96 2.31 -13.53
N LEU A 377 2.38 1.92 -12.41
CA LEU A 377 1.98 2.83 -11.33
C LEU A 377 2.70 2.47 -10.05
N ALA A 378 3.21 3.49 -9.34
CA ALA A 378 3.84 3.26 -8.02
C ALA A 378 2.98 2.42 -7.10
N ILE A 379 1.70 2.76 -7.00
CA ILE A 379 0.87 2.11 -5.97
C ILE A 379 0.51 0.65 -6.32
N ASP A 380 0.67 0.25 -7.57
CA ASP A 380 0.48 -1.16 -7.99
C ASP A 380 1.83 -1.95 -7.95
N GLN A 381 2.95 -1.28 -8.28
CA GLN A 381 4.27 -1.92 -8.28
C GLN A 381 4.84 -2.14 -6.86
N GLY A 382 4.62 -1.20 -5.96
CA GLY A 382 5.18 -1.29 -4.63
C GLY A 382 4.80 -2.56 -3.90
N PRO A 383 3.49 -2.86 -3.85
CA PRO A 383 3.04 -4.06 -3.11
C PRO A 383 3.54 -5.37 -3.69
N ILE A 384 3.81 -5.41 -4.98
CA ILE A 384 4.33 -6.61 -5.60
C ILE A 384 5.68 -6.93 -4.98
N ILE A 385 6.56 -5.93 -4.88
CA ILE A 385 7.92 -6.15 -4.34
C ILE A 385 7.80 -6.55 -2.88
N VAL A 386 7.05 -5.76 -2.12
CA VAL A 386 7.05 -5.86 -0.67
C VAL A 386 6.29 -7.06 -0.15
N ILE A 388 5.68 -9.89 -1.80
CA ILE A 388 6.49 -11.05 -2.12
C ILE A 388 7.51 -11.21 -1.02
N GLU A 389 8.16 -10.13 -0.61
CA GLU A 389 9.17 -10.32 0.44
C GLU A 389 8.55 -10.77 1.79
N ASN A 390 7.43 -10.16 2.18
CA ASN A 390 6.75 -10.61 3.38
C ASN A 390 6.42 -12.11 3.34
N TYR A 391 5.93 -12.59 2.21
CA TYR A 391 5.74 -14.05 2.03
C TYR A 391 7.05 -14.81 2.19
N ARG A 392 8.15 -14.35 1.60
CA ARG A 392 9.37 -15.15 1.66
C ARG A 392 10.13 -15.10 3.01
N THR A 393 10.16 -13.95 3.70
CA THR A 393 10.94 -13.80 4.94
C THR A 393 10.23 -12.99 6.05
N GLY A 394 9.05 -12.43 5.78
CA GLY A 394 8.38 -11.54 6.74
C GLY A 394 9.15 -10.27 7.07
N LEU A 395 10.11 -9.88 6.21
CA LEU A 395 11.02 -8.77 6.44
C LEU A 395 10.35 -7.48 6.89
N ILE A 396 9.38 -6.96 6.13
CA ILE A 396 8.86 -5.60 6.43
C ILE A 396 7.90 -5.66 7.63
N TRP A 397 7.11 -6.73 7.69
CA TRP A 397 6.31 -7.04 8.88
C TRP A 397 7.12 -7.06 10.17
N LYS A 398 8.23 -7.77 10.19
CA LYS A 398 9.03 -7.80 11.44
C LYS A 398 9.53 -6.41 11.82
N LEU A 399 9.96 -5.61 10.86
CA LEU A 399 10.48 -4.29 11.17
C LEU A 399 9.38 -3.39 11.78
N PHE A 400 8.27 -3.27 11.06
CA PHE A 400 7.19 -2.37 11.45
C PHE A 400 6.60 -2.79 12.80
N SER A 402 7.92 -4.31 15.15
CA SER A 402 8.87 -4.09 16.23
C SER A 402 8.86 -2.68 16.79
N HIS A 403 8.21 -1.72 16.13
CA HIS A 403 8.28 -0.34 16.61
C HIS A 403 7.47 -0.17 17.91
N PRO A 404 8.09 0.33 18.98
CA PRO A 404 7.38 0.39 20.25
C PRO A 404 6.12 1.26 20.29
N ASP A 405 6.04 2.29 19.46
CA ASP A 405 4.81 3.08 19.42
C ASP A 405 3.67 2.29 18.70
N VAL A 406 4.02 1.52 17.67
CA VAL A 406 3.05 0.68 16.93
C VAL A 406 2.47 -0.34 17.94
N GLN A 407 3.35 -0.99 18.71
CA GLN A 407 2.87 -1.92 19.71
C GLN A 407 1.96 -1.25 20.75
N LYS A 408 2.28 -0.04 21.17
CA LYS A 408 1.41 0.68 22.13
C LYS A 408 0.07 0.97 21.53
N GLY A 409 0.07 1.48 20.29
CA GLY A 409 -1.17 1.77 19.59
C GLY A 409 -2.10 0.56 19.44
N LEU A 410 -1.54 -0.56 19.02
CA LEU A 410 -2.34 -1.77 18.84
C LEU A 410 -2.95 -2.19 20.15
N ARG A 411 -2.18 -2.14 21.25
CA ARG A 411 -2.74 -2.48 22.57
CA ARG A 411 -2.72 -2.49 22.55
C ARG A 411 -3.87 -1.54 22.96
N ARG A 412 -3.69 -0.22 22.75
CA ARG A 412 -4.75 0.75 23.09
C ARG A 412 -6.05 0.40 22.39
N LEU A 413 -5.98 -0.08 21.14
CA LEU A 413 -7.15 -0.38 20.37
C LEU A 413 -7.70 -1.79 20.64
N GLY A 414 -7.08 -2.54 21.55
CA GLY A 414 -7.61 -3.82 21.94
C GLY A 414 -7.11 -4.97 21.10
N PHE A 415 -6.04 -4.81 20.34
CA PHE A 415 -5.58 -5.93 19.50
C PHE A 415 -4.81 -6.96 20.30
N THR A 416 -4.87 -8.23 19.86
CA THR A 416 -3.90 -9.26 20.26
C THR A 416 -3.13 -9.67 18.98
N SER A 417 -1.89 -10.13 19.17
CA SER A 417 -0.99 -10.50 18.04
C SER A 417 0.16 -11.32 18.64
N PRO A 418 0.75 -12.23 17.86
CA PRO A 418 1.95 -12.89 18.38
C PRO A 418 3.11 -11.93 18.65
N TYR A 419 3.09 -10.73 18.09
CA TYR A 419 4.12 -9.72 18.36
C TYR A 419 3.95 -9.01 19.70
N LEU A 420 2.77 -9.14 20.31
CA LEU A 420 2.43 -8.44 21.54
C LEU A 420 2.46 -9.42 22.73
N ASN A 421 3.52 -9.29 23.54
CA ASN A 421 3.76 -9.88 24.92
C ASN A 421 5.10 -10.61 25.01
#